data_6PJ0
#
_entry.id   6PJ0
#
_cell.length_a   54.169
_cell.length_b   58.515
_cell.length_c   59.646
_cell.angle_alpha   90.00
_cell.angle_beta   90.00
_cell.angle_gamma   90.00
#
_symmetry.space_group_name_H-M   'P 21 21 21'
#
loop_
_entity.id
_entity.type
_entity.pdbx_description
1 polymer 'NS3/4 Aprotease'
2 non-polymer '1-ethylcyclopentyl [(2R,6S,12Z,13aS,14aR,16aS)-2-[(7-methoxy-3-methylquinoxalin-2-yl)oxy]-14a-{[(1-methylcyclopropyl)sulfonyl]carbamoyl}-5,16-dioxo-1,2,3,5,6,7,8,9,10,11,13a,14,14a,15,16,16a-hexadecahydrocyclopropa[e]pyrrolo[1,2-a][1,4]diazacyclopentadecin-6-yl]carbamate'
3 non-polymer 'ZINC ION'
4 non-polymer 1,2-ETHANEDIOL
5 non-polymer 'SULFATE ION'
6 water water
#
_entity_poly.entity_id   1
_entity_poly.type   'polypeptide(L)'
_entity_poly.pdbx_seq_one_letter_code
;MGSSHHHHHHSSGLVPRGSHMASMKKKGSVVIVGRINLSGDTAYAQQTRGEEGCQETSQTGRDKNQVEGEVQIVSTATQT
FLATSINGVLWTVYHGAGTRTIASPKGPVTQMYTNVDKDLVGWQAPQGSRSLTPCTCGSSDLYLVTRHADVIPVRRRGDS
RGSLLSPRPISYLKGSSGGPLLCPAGHAVGIFRAAVSTRGVAKAVAFIPVESLETTMRSP
;
_entity_poly.pdbx_strand_id   A
#
# COMPACT_ATOMS: atom_id res chain seq x y z
N MET A 21 -5.24 -33.23 8.95
CA MET A 21 -4.50 -32.17 9.64
C MET A 21 -3.09 -32.09 9.10
N ALA A 22 -2.45 -33.25 8.93
CA ALA A 22 -1.17 -33.29 8.22
C ALA A 22 -1.31 -32.81 6.79
N SER A 23 -2.54 -32.80 6.26
CA SER A 23 -2.81 -32.32 4.92
C SER A 23 -2.80 -30.80 4.81
N MET A 24 -2.94 -30.10 5.93
CA MET A 24 -3.19 -28.66 5.91
C MET A 24 -1.90 -27.89 5.61
N LYS A 25 -1.96 -27.06 4.58
CA LYS A 25 -0.86 -26.16 4.23
C LYS A 25 -1.11 -24.79 4.85
N LYS A 26 -0.09 -23.93 4.75
CA LYS A 26 -0.12 -22.61 5.34
C LYS A 26 0.03 -21.55 4.25
N LYS A 27 -0.76 -20.48 4.38
CA LYS A 27 -0.66 -19.37 3.45
C LYS A 27 0.71 -18.72 3.56
N GLY A 28 1.16 -18.14 2.45
CA GLY A 28 2.46 -17.50 2.41
C GLY A 28 2.42 -16.10 3.00
N SER A 29 3.62 -15.52 3.12
CA SER A 29 3.77 -14.16 3.58
C SER A 29 3.64 -13.18 2.42
N VAL A 30 3.21 -11.96 2.75
CA VAL A 30 3.33 -10.85 1.81
C VAL A 30 4.81 -10.58 1.57
N VAL A 31 5.17 -10.28 0.33
CA VAL A 31 6.56 -10.08 -0.05
C VAL A 31 6.69 -8.73 -0.75
N ILE A 32 7.69 -7.96 -0.34
CA ILE A 32 8.04 -6.72 -1.03
C ILE A 32 8.79 -7.09 -2.31
N VAL A 33 8.25 -6.65 -3.45
CA VAL A 33 8.84 -6.94 -4.76
C VAL A 33 9.36 -5.70 -5.46
N GLY A 34 9.14 -4.51 -4.89
CA GLY A 34 9.62 -3.30 -5.52
C GLY A 34 9.19 -2.09 -4.71
N ARG A 35 9.32 -0.92 -5.32
CA ARG A 35 8.94 0.31 -4.64
C ARG A 35 8.62 1.37 -5.67
N ILE A 36 7.90 2.41 -5.23
CA ILE A 36 7.65 3.60 -6.03
C ILE A 36 8.63 4.67 -5.55
N ASN A 37 9.60 5.00 -6.40
CA ASN A 37 10.62 5.98 -6.04
C ASN A 37 10.03 7.39 -6.16
N LEU A 38 9.96 8.09 -5.04
CA LEU A 38 9.51 9.48 -5.01
C LEU A 38 10.62 10.43 -4.58
N SER A 39 11.87 9.97 -4.67
CA SER A 39 12.99 10.76 -4.13
C SER A 39 13.33 11.94 -5.03
N GLY A 40 13.46 11.69 -6.33
CA GLY A 40 13.93 12.69 -7.26
C GLY A 40 12.83 13.59 -7.79
N ASP A 41 13.09 14.14 -8.97
CA ASP A 41 12.13 14.99 -9.66
C ASP A 41 11.11 14.21 -10.47
N THR A 42 11.30 12.90 -10.64
CA THR A 42 10.39 12.07 -11.41
C THR A 42 10.04 10.82 -10.62
N ALA A 43 8.75 10.51 -10.55
CA ALA A 43 8.30 9.29 -9.90
C ALA A 43 8.41 8.12 -10.86
N TYR A 44 8.91 6.99 -10.35
CA TYR A 44 9.04 5.81 -11.19
C TYR A 44 9.08 4.56 -10.33
N ALA A 45 8.55 3.48 -10.89
CA ALA A 45 8.51 2.20 -10.20
C ALA A 45 9.84 1.47 -10.37
N GLN A 46 10.29 0.82 -9.31
CA GLN A 46 11.46 -0.05 -9.35
C GLN A 46 11.05 -1.43 -8.84
N GLN A 47 11.45 -2.47 -9.56
CA GLN A 47 11.27 -3.83 -9.09
C GLN A 47 12.56 -4.29 -8.43
N THR A 48 12.43 -4.94 -7.28
CA THR A 48 13.58 -5.44 -6.54
C THR A 48 13.62 -6.95 -6.43
N ARG A 49 12.58 -7.66 -6.87
CA ARG A 49 12.55 -9.11 -6.80
C ARG A 49 11.62 -9.64 -7.87
N GLY A 50 12.08 -10.68 -8.58
CA GLY A 50 11.27 -11.32 -9.59
C GLY A 50 10.30 -12.33 -9.01
N GLU A 51 9.42 -12.84 -9.89
CA GLU A 51 8.34 -13.69 -9.42
C GLU A 51 8.87 -14.96 -8.76
N GLU A 52 9.88 -15.60 -9.36
CA GLU A 52 10.42 -16.81 -8.75
C GLU A 52 10.93 -16.53 -7.34
N GLY A 53 11.74 -15.48 -7.18
CA GLY A 53 12.19 -15.10 -5.85
C GLY A 53 11.05 -14.69 -4.94
N CYS A 54 10.01 -14.09 -5.51
CA CYS A 54 8.85 -13.72 -4.72
C CYS A 54 8.15 -14.95 -4.16
N GLN A 55 7.95 -15.97 -4.99
CA GLN A 55 7.30 -17.19 -4.53
C GLN A 55 8.14 -17.87 -3.46
N GLU A 56 9.45 -17.98 -3.71
CA GLU A 56 10.36 -18.54 -2.72
C GLU A 56 10.26 -17.79 -1.40
N THR A 57 10.32 -16.46 -1.46
CA THR A 57 10.29 -15.65 -0.25
C THR A 57 8.94 -15.72 0.44
N SER A 58 7.85 -15.83 -0.32
CA SER A 58 6.53 -15.93 0.29
C SER A 58 6.39 -17.23 1.08
N GLN A 59 7.07 -18.29 0.65
CA GLN A 59 6.96 -19.58 1.32
C GLN A 59 7.81 -19.62 2.59
N THR A 60 9.05 -19.12 2.52
CA THR A 60 9.91 -19.14 3.69
C THR A 60 9.65 -17.95 4.61
N GLY A 61 9.12 -16.86 4.07
CA GLY A 61 8.96 -15.65 4.85
C GLY A 61 10.25 -14.94 5.20
N ARG A 62 11.36 -15.32 4.59
CA ARG A 62 12.66 -14.73 4.87
C ARG A 62 13.06 -13.87 3.68
N ASP A 63 13.11 -12.55 3.88
CA ASP A 63 13.44 -11.58 2.85
C ASP A 63 14.67 -10.80 3.30
N LYS A 64 15.80 -11.03 2.63
CA LYS A 64 17.05 -10.35 2.96
C LYS A 64 17.34 -9.18 2.03
N ASN A 65 16.39 -8.77 1.21
CA ASN A 65 16.59 -7.64 0.33
C ASN A 65 16.52 -6.33 1.10
N GLN A 66 17.42 -5.40 0.77
CA GLN A 66 17.37 -4.07 1.37
C GLN A 66 16.08 -3.36 0.96
N VAL A 67 15.45 -2.71 1.93
CA VAL A 67 14.21 -1.98 1.70
C VAL A 67 14.51 -0.49 1.74
N GLU A 68 13.90 0.27 0.83
CA GLU A 68 14.06 1.71 0.80
C GLU A 68 12.73 2.36 0.45
N GLY A 69 12.60 3.62 0.84
CA GLY A 69 11.49 4.43 0.40
C GLY A 69 10.24 4.27 1.25
N GLU A 70 9.20 4.98 0.82
CA GLU A 70 7.94 5.06 1.54
C GLU A 70 6.87 4.14 0.98
N VAL A 71 6.80 3.98 -0.33
CA VAL A 71 5.75 3.20 -0.98
C VAL A 71 6.38 1.93 -1.53
N GLN A 72 5.98 0.79 -0.98
CA GLN A 72 6.46 -0.51 -1.41
C GLN A 72 5.45 -1.17 -2.34
N ILE A 73 5.94 -1.89 -3.33
CA ILE A 73 5.12 -2.81 -4.10
C ILE A 73 5.22 -4.17 -3.44
N VAL A 74 4.07 -4.77 -3.12
CA VAL A 74 4.04 -6.03 -2.38
C VAL A 74 3.22 -7.02 -3.18
N SER A 75 3.48 -8.30 -2.95
N SER A 75 3.47 -8.31 -2.94
CA SER A 75 2.81 -9.37 -3.68
CA SER A 75 2.82 -9.37 -3.67
C SER A 75 2.58 -10.57 -2.77
C SER A 75 2.58 -10.57 -2.76
N THR A 76 1.46 -11.25 -2.98
CA THR A 76 1.18 -12.55 -2.42
C THR A 76 1.45 -13.56 -3.53
N ALA A 77 1.09 -14.82 -3.29
CA ALA A 77 1.17 -15.80 -4.35
C ALA A 77 0.18 -15.53 -5.46
N THR A 78 -0.89 -14.77 -5.19
CA THR A 78 -1.98 -14.58 -6.12
C THR A 78 -2.31 -13.13 -6.45
N GLN A 79 -1.83 -12.16 -5.68
CA GLN A 79 -2.20 -10.77 -5.90
C GLN A 79 -1.00 -9.86 -5.69
N THR A 80 -1.07 -8.68 -6.32
CA THR A 80 -0.06 -7.65 -6.14
C THR A 80 -0.76 -6.32 -5.89
N PHE A 81 -0.20 -5.53 -5.00
CA PHE A 81 -0.78 -4.26 -4.58
C PHE A 81 0.33 -3.43 -3.94
N LEU A 82 -0.03 -2.40 -3.18
CA LEU A 82 0.94 -1.49 -2.60
C LEU A 82 0.86 -1.49 -1.08
N ALA A 83 1.92 -1.00 -0.44
CA ALA A 83 1.98 -0.82 1.00
C ALA A 83 2.76 0.45 1.30
N THR A 84 2.25 1.25 2.26
CA THR A 84 2.77 2.58 2.51
C THR A 84 3.18 2.72 3.97
N SER A 85 4.38 3.24 4.21
CA SER A 85 4.89 3.46 5.55
C SER A 85 4.48 4.84 6.04
N ILE A 86 3.77 4.88 7.16
CA ILE A 86 3.35 6.12 7.80
C ILE A 86 3.58 5.96 9.29
N ASN A 87 4.38 6.85 9.88
CA ASN A 87 4.66 6.85 11.31
C ASN A 87 5.17 5.49 11.79
N GLY A 88 6.09 4.92 11.02
CA GLY A 88 6.74 3.69 11.44
C GLY A 88 5.91 2.45 11.24
N VAL A 89 4.78 2.53 10.55
CA VAL A 89 3.92 1.38 10.28
C VAL A 89 3.75 1.25 8.78
N LEU A 90 3.98 0.04 8.26
CA LEU A 90 3.74 -0.26 6.85
C LEU A 90 2.28 -0.69 6.71
N TRP A 91 1.48 0.16 6.07
CA TRP A 91 0.05 -0.05 5.98
C TRP A 91 -0.34 -0.60 4.61
N THR A 92 -1.37 -1.44 4.59
CA THR A 92 -1.97 -1.89 3.33
C THR A 92 -3.42 -2.28 3.59
N VAL A 93 -4.05 -2.88 2.59
CA VAL A 93 -5.48 -3.19 2.62
C VAL A 93 -5.67 -4.65 3.03
N TYR A 94 -6.71 -4.89 3.82
CA TYR A 94 -7.04 -6.26 4.22
C TYR A 94 -7.43 -7.12 3.03
N HIS A 95 -8.16 -6.54 2.06
CA HIS A 95 -8.57 -7.33 0.91
C HIS A 95 -7.39 -7.76 0.04
N GLY A 96 -6.20 -7.23 0.30
CA GLY A 96 -5.00 -7.71 -0.37
C GLY A 96 -4.19 -8.65 0.48
N ALA A 97 -3.88 -8.23 1.70
CA ALA A 97 -2.98 -8.98 2.57
C ALA A 97 -3.69 -9.99 3.45
N GLY A 98 -5.00 -9.88 3.63
CA GLY A 98 -5.67 -10.69 4.62
C GLY A 98 -4.99 -10.55 5.97
N THR A 99 -4.87 -11.66 6.69
CA THR A 99 -4.16 -11.70 7.95
C THR A 99 -2.73 -12.19 7.78
N ARG A 100 -2.19 -12.14 6.56
CA ARG A 100 -0.90 -12.74 6.28
CA ARG A 100 -0.90 -12.74 6.28
C ARG A 100 0.22 -12.01 7.02
N THR A 101 1.28 -12.76 7.31
CA THR A 101 2.54 -12.17 7.76
C THR A 101 3.22 -11.50 6.58
N ILE A 102 4.25 -10.70 6.88
CA ILE A 102 5.10 -10.11 5.84
C ILE A 102 6.49 -10.68 6.00
N ALA A 103 7.14 -10.96 4.88
CA ALA A 103 8.50 -11.48 4.90
C ALA A 103 9.48 -10.42 5.40
N SER A 104 10.48 -10.86 6.14
CA SER A 104 11.48 -9.96 6.69
C SER A 104 12.80 -10.71 6.79
N PRO A 105 13.90 -10.01 7.08
CA PRO A 105 15.20 -10.70 7.18
C PRO A 105 15.23 -11.80 8.21
N LYS A 106 14.44 -11.70 9.28
CA LYS A 106 14.45 -12.66 10.35
C LYS A 106 13.30 -13.66 10.28
N GLY A 107 12.48 -13.60 9.23
CA GLY A 107 11.35 -14.48 9.09
C GLY A 107 10.05 -13.73 9.02
N PRO A 108 8.93 -14.45 8.98
CA PRO A 108 7.62 -13.79 8.88
C PRO A 108 7.33 -12.93 10.09
N VAL A 109 6.76 -11.75 9.84
CA VAL A 109 6.37 -10.80 10.87
C VAL A 109 4.85 -10.73 10.91
N THR A 110 4.28 -10.98 12.08
N THR A 110 4.26 -11.02 12.07
CA THR A 110 2.83 -10.95 12.25
CA THR A 110 2.82 -10.99 12.18
C THR A 110 2.32 -9.52 12.21
C THR A 110 2.31 -9.56 12.22
N GLN A 111 1.09 -9.37 11.71
CA GLN A 111 0.51 -8.04 11.59
C GLN A 111 0.42 -7.37 12.96
N MET A 112 0.73 -6.07 12.97
CA MET A 112 0.61 -5.25 14.17
C MET A 112 -0.77 -4.64 14.30
N TYR A 113 -1.46 -4.45 13.18
CA TYR A 113 -2.82 -3.95 13.15
C TYR A 113 -3.60 -4.75 12.13
N THR A 114 -4.85 -5.06 12.47
CA THR A 114 -5.77 -5.73 11.55
C THR A 114 -7.16 -5.20 11.82
N ASN A 115 -7.77 -4.56 10.83
CA ASN A 115 -9.13 -4.02 10.97
C ASN A 115 -9.90 -4.24 9.66
N VAL A 116 -10.64 -5.34 9.61
CA VAL A 116 -11.42 -5.67 8.42
C VAL A 116 -12.54 -4.66 8.19
N ASP A 117 -13.03 -4.02 9.26
CA ASP A 117 -14.07 -3.01 9.10
C ASP A 117 -13.56 -1.79 8.35
N LYS A 118 -12.26 -1.50 8.45
CA LYS A 118 -11.64 -0.42 7.69
C LYS A 118 -10.90 -0.91 6.46
N ASP A 119 -10.87 -2.23 6.22
CA ASP A 119 -10.08 -2.80 5.14
C ASP A 119 -8.61 -2.43 5.28
N LEU A 120 -8.10 -2.49 6.50
CA LEU A 120 -6.77 -2.00 6.82
C LEU A 120 -5.99 -3.04 7.61
N VAL A 121 -4.70 -3.17 7.30
CA VAL A 121 -3.78 -3.96 8.09
C VAL A 121 -2.46 -3.20 8.14
N GLY A 122 -1.60 -3.57 9.09
CA GLY A 122 -0.33 -2.92 9.23
C GLY A 122 0.69 -3.80 9.92
N TRP A 123 1.94 -3.68 9.49
CA TRP A 123 3.09 -4.28 10.13
C TRP A 123 4.05 -3.17 10.57
N GLN A 124 4.94 -3.50 11.52
CA GLN A 124 6.06 -2.61 11.79
C GLN A 124 6.79 -2.28 10.49
N ALA A 125 7.17 -1.03 10.32
CA ALA A 125 7.82 -0.60 9.08
C ALA A 125 9.18 -1.27 8.95
N PRO A 126 9.53 -1.81 7.79
CA PRO A 126 10.79 -2.55 7.68
C PRO A 126 12.00 -1.65 7.85
N GLN A 127 13.09 -2.24 8.34
CA GLN A 127 14.34 -1.51 8.48
C GLN A 127 14.75 -0.94 7.13
N GLY A 128 15.18 0.32 7.14
CA GLY A 128 15.60 1.00 5.94
C GLY A 128 14.51 1.76 5.22
N SER A 129 13.24 1.45 5.49
CA SER A 129 12.16 2.21 4.89
C SER A 129 12.15 3.64 5.44
N ARG A 130 11.43 4.51 4.75
CA ARG A 130 11.15 5.86 5.20
C ARG A 130 9.65 6.02 5.37
N SER A 131 9.26 6.71 6.43
CA SER A 131 7.85 6.90 6.75
C SER A 131 7.36 8.26 6.30
N LEU A 132 6.17 8.29 5.73
CA LEU A 132 5.51 9.56 5.45
C LEU A 132 4.96 10.14 6.75
N THR A 133 4.89 11.46 6.80
CA THR A 133 4.35 12.16 7.96
C THR A 133 2.84 12.31 7.82
N PRO A 134 2.06 12.03 8.85
CA PRO A 134 0.60 12.23 8.76
C PRO A 134 0.28 13.70 8.49
N CYS A 135 -0.58 13.94 7.50
CA CYS A 135 -0.94 15.30 7.14
C CYS A 135 -1.77 15.96 8.23
N THR A 136 -1.45 17.22 8.53
CA THR A 136 -2.27 18.07 9.39
C THR A 136 -2.63 19.38 8.67
N CYS A 137 -2.48 19.41 7.35
CA CYS A 137 -2.70 20.64 6.59
C CYS A 137 -4.17 20.95 6.39
N GLY A 138 -5.04 19.94 6.43
CA GLY A 138 -6.43 20.16 6.14
C GLY A 138 -6.72 20.49 4.69
N SER A 139 -5.80 20.19 3.78
CA SER A 139 -6.01 20.51 2.38
C SER A 139 -6.82 19.41 1.69
N SER A 140 -7.58 19.83 0.68
CA SER A 140 -8.39 18.92 -0.12
C SER A 140 -7.81 18.72 -1.52
N ASP A 141 -6.64 19.29 -1.80
CA ASP A 141 -5.96 19.08 -3.08
C ASP A 141 -4.97 17.95 -2.88
N LEU A 142 -5.35 16.74 -3.29
CA LEU A 142 -4.59 15.54 -3.00
C LEU A 142 -3.95 14.97 -4.26
N TYR A 143 -3.09 13.97 -4.05
CA TYR A 143 -2.36 13.30 -5.13
C TYR A 143 -2.26 11.83 -4.79
N LEU A 144 -2.73 10.98 -5.69
CA LEU A 144 -2.71 9.53 -5.51
C LEU A 144 -1.55 8.94 -6.30
N VAL A 145 -0.73 8.15 -5.61
CA VAL A 145 0.43 7.48 -6.21
C VAL A 145 0.03 6.05 -6.53
N THR A 146 0.14 5.67 -7.80
CA THR A 146 -0.23 4.34 -8.25
C THR A 146 1.01 3.44 -8.35
N ARG A 147 0.76 2.15 -8.56
CA ARG A 147 1.85 1.18 -8.68
C ARG A 147 2.69 1.41 -9.92
N HIS A 148 2.17 2.13 -10.91
CA HIS A 148 2.90 2.49 -12.11
C HIS A 148 3.57 3.86 -11.99
N ALA A 149 3.64 4.40 -10.78
CA ALA A 149 4.30 5.67 -10.51
C ALA A 149 3.57 6.85 -11.12
N ASP A 150 2.30 6.69 -11.46
CA ASP A 150 1.47 7.83 -11.83
C ASP A 150 1.11 8.63 -10.58
N VAL A 151 1.16 9.96 -10.68
CA VAL A 151 0.75 10.85 -9.61
C VAL A 151 -0.51 11.54 -10.09
N ILE A 152 -1.66 11.08 -9.60
CA ILE A 152 -2.97 11.46 -10.12
C ILE A 152 -3.57 12.53 -9.21
N PRO A 153 -3.81 13.75 -9.69
CA PRO A 153 -4.50 14.74 -8.86
C PRO A 153 -5.90 14.27 -8.46
N VAL A 154 -6.22 14.42 -7.18
CA VAL A 154 -7.50 13.99 -6.62
C VAL A 154 -8.00 15.09 -5.70
N ARG A 155 -9.24 15.51 -5.90
CA ARG A 155 -9.87 16.49 -5.03
C ARG A 155 -10.61 15.75 -3.92
N ARG A 156 -10.27 16.04 -2.67
CA ARG A 156 -10.98 15.42 -1.55
C ARG A 156 -12.44 15.84 -1.56
N ARG A 157 -13.33 14.87 -1.43
CA ARG A 157 -14.77 15.11 -1.44
C ARG A 157 -15.45 14.69 -0.14
N GLY A 158 -14.73 14.08 0.78
CA GLY A 158 -15.28 13.66 2.05
C GLY A 158 -14.20 13.14 2.95
N ASP A 159 -14.61 12.62 4.10
CA ASP A 159 -13.63 12.05 5.03
C ASP A 159 -12.85 10.91 4.38
N SER A 160 -13.48 10.18 3.46
CA SER A 160 -12.84 9.00 2.87
C SER A 160 -13.05 8.90 1.36
N ARG A 161 -13.34 10.00 0.68
CA ARG A 161 -13.61 9.98 -0.75
C ARG A 161 -12.90 11.13 -1.44
N GLY A 162 -12.50 10.90 -2.68
CA GLY A 162 -11.93 11.94 -3.52
C GLY A 162 -12.23 11.65 -4.98
N SER A 163 -12.40 12.72 -5.75
CA SER A 163 -12.72 12.60 -7.16
C SER A 163 -11.46 12.79 -8.00
N LEU A 164 -11.34 11.96 -9.04
CA LEU A 164 -10.25 12.15 -10.00
C LEU A 164 -10.51 13.38 -10.84
N LEU A 165 -9.51 14.25 -10.96
CA LEU A 165 -9.66 15.40 -11.83
C LEU A 165 -9.71 14.99 -13.31
N SER A 166 -9.00 13.91 -13.65
CA SER A 166 -9.01 13.32 -14.99
C SER A 166 -9.41 11.86 -14.84
N PRO A 167 -10.69 11.52 -14.98
CA PRO A 167 -11.11 10.12 -14.90
C PRO A 167 -10.36 9.25 -15.92
N ARG A 168 -10.38 7.95 -15.67
CA ARG A 168 -9.72 6.99 -16.55
C ARG A 168 -10.21 5.58 -16.18
N PRO A 169 -10.03 4.61 -17.08
CA PRO A 169 -10.51 3.25 -16.80
C PRO A 169 -9.96 2.71 -15.49
N ILE A 170 -10.78 1.91 -14.80
CA ILE A 170 -10.36 1.34 -13.53
C ILE A 170 -9.10 0.49 -13.69
N SER A 171 -8.85 0.00 -14.91
CA SER A 171 -7.65 -0.80 -15.15
C SER A 171 -6.39 -0.09 -14.67
N TYR A 172 -6.36 1.24 -14.80
CA TYR A 172 -5.17 1.99 -14.44
C TYR A 172 -4.96 2.08 -12.93
N LEU A 173 -6.02 1.87 -12.14
CA LEU A 173 -5.90 1.88 -10.69
C LEU A 173 -5.79 0.49 -10.08
N LYS A 174 -6.15 -0.56 -10.82
CA LYS A 174 -6.06 -1.91 -10.30
C LYS A 174 -4.63 -2.21 -9.84
N GLY A 175 -4.51 -2.77 -8.64
CA GLY A 175 -3.22 -3.08 -8.08
C GLY A 175 -2.57 -1.95 -7.30
N SER A 176 -3.28 -0.84 -7.08
CA SER A 176 -2.73 0.29 -6.36
C SER A 176 -3.33 0.47 -4.98
N SER A 177 -4.24 -0.40 -4.56
CA SER A 177 -4.71 -0.38 -3.18
C SER A 177 -3.50 -0.46 -2.24
N GLY A 178 -3.59 0.26 -1.13
CA GLY A 178 -2.47 0.38 -0.22
C GLY A 178 -1.54 1.54 -0.52
N GLY A 179 -1.68 2.17 -1.68
CA GLY A 179 -0.88 3.30 -2.03
C GLY A 179 -1.37 4.56 -1.36
N PRO A 180 -0.54 5.59 -1.32
CA PRO A 180 -0.89 6.80 -0.58
C PRO A 180 -1.63 7.85 -1.40
N LEU A 181 -2.47 8.60 -0.70
CA LEU A 181 -2.95 9.90 -1.17
C LEU A 181 -2.21 10.96 -0.38
N LEU A 182 -1.50 11.82 -1.09
CA LEU A 182 -0.62 12.82 -0.49
C LEU A 182 -1.23 14.21 -0.61
N CYS A 183 -0.91 15.06 0.36
CA CYS A 183 -1.27 16.48 0.32
C CYS A 183 -0.23 17.22 -0.53
N PRO A 184 -0.45 18.51 -0.79
CA PRO A 184 0.54 19.25 -1.58
C PRO A 184 1.93 19.26 -0.97
N ALA A 185 2.05 19.16 0.35
CA ALA A 185 3.33 19.17 1.03
C ALA A 185 3.96 17.79 1.14
N GLY A 186 3.35 16.77 0.56
CA GLY A 186 3.89 15.43 0.62
C GLY A 186 3.56 14.64 1.86
N HIS A 187 2.64 15.12 2.69
CA HIS A 187 2.18 14.36 3.84
C HIS A 187 1.20 13.27 3.39
N ALA A 188 1.08 12.24 4.22
CA ALA A 188 0.11 11.18 3.97
C ALA A 188 -1.26 11.63 4.45
N VAL A 189 -2.23 11.57 3.54
CA VAL A 189 -3.62 11.88 3.86
C VAL A 189 -4.49 10.63 4.00
N GLY A 190 -4.15 9.54 3.31
CA GLY A 190 -4.95 8.32 3.40
C GLY A 190 -4.30 7.21 2.60
N ILE A 191 -4.91 6.04 2.70
CA ILE A 191 -4.48 4.84 2.02
C ILE A 191 -5.56 4.46 1.01
N PHE A 192 -5.17 4.31 -0.25
CA PHE A 192 -6.09 3.94 -1.31
C PHE A 192 -6.71 2.56 -1.04
N ARG A 193 -8.04 2.50 -1.08
CA ARG A 193 -8.81 1.31 -0.71
C ARG A 193 -9.72 0.82 -1.80
N ALA A 194 -10.45 1.71 -2.49
CA ALA A 194 -11.36 1.25 -3.51
C ALA A 194 -11.61 2.34 -4.54
N ALA A 195 -12.09 1.93 -5.72
CA ALA A 195 -12.40 2.84 -6.82
C ALA A 195 -13.90 2.89 -7.07
N VAL A 196 -14.41 4.09 -7.25
CA VAL A 196 -15.80 4.33 -7.64
C VAL A 196 -15.82 4.51 -9.16
N SER A 197 -16.48 3.61 -9.87
CA SER A 197 -16.45 3.60 -11.32
C SER A 197 -17.86 3.65 -11.90
N THR A 198 -17.94 4.23 -13.10
CA THR A 198 -19.17 4.28 -13.89
C THR A 198 -18.83 3.79 -15.29
N ARG A 199 -19.39 2.64 -15.68
CA ARG A 199 -19.10 2.05 -16.98
C ARG A 199 -17.61 1.74 -17.12
N GLY A 200 -17.02 1.21 -16.04
CA GLY A 200 -15.60 0.93 -16.01
C GLY A 200 -14.70 2.13 -15.91
N VAL A 201 -15.25 3.34 -15.82
CA VAL A 201 -14.47 4.56 -15.75
C VAL A 201 -14.40 5.02 -14.30
N ALA A 202 -13.19 5.08 -13.76
CA ALA A 202 -13.00 5.51 -12.38
C ALA A 202 -13.19 7.02 -12.30
N LYS A 203 -14.24 7.46 -11.61
CA LYS A 203 -14.47 8.87 -11.37
C LYS A 203 -14.05 9.32 -9.97
N ALA A 204 -14.01 8.40 -9.00
CA ALA A 204 -13.68 8.75 -7.63
C ALA A 204 -13.00 7.55 -6.95
N VAL A 205 -12.41 7.81 -5.80
CA VAL A 205 -11.68 6.83 -5.02
C VAL A 205 -12.12 6.88 -3.56
N ALA A 206 -12.26 5.70 -2.95
CA ALA A 206 -12.43 5.59 -1.52
C ALA A 206 -11.07 5.30 -0.86
N PHE A 207 -10.83 5.88 0.32
CA PHE A 207 -9.53 5.71 0.96
C PHE A 207 -9.67 5.71 2.48
N ILE A 208 -8.65 5.19 3.16
CA ILE A 208 -8.62 5.14 4.62
C ILE A 208 -7.93 6.42 5.11
N PRO A 209 -8.65 7.34 5.73
CA PRO A 209 -8.02 8.59 6.15
C PRO A 209 -6.93 8.35 7.18
N VAL A 210 -5.87 9.17 7.10
CA VAL A 210 -4.77 9.03 8.03
C VAL A 210 -5.24 9.13 9.47
N GLU A 211 -6.27 9.95 9.73
CA GLU A 211 -6.80 10.05 11.08
C GLU A 211 -7.28 8.70 11.58
N SER A 212 -7.89 7.91 10.70
CA SER A 212 -8.32 6.56 11.08
C SER A 212 -7.12 5.68 11.40
N LEU A 213 -6.01 5.87 10.68
CA LEU A 213 -4.77 5.18 11.01
C LEU A 213 -4.25 5.63 12.37
N GLU A 214 -4.23 6.94 12.61
CA GLU A 214 -3.73 7.45 13.87
C GLU A 214 -4.61 7.00 15.04
N THR A 215 -5.91 6.83 14.81
CA THR A 215 -6.78 6.30 15.84
C THR A 215 -6.44 4.83 16.12
N THR A 216 -6.35 4.02 15.06
CA THR A 216 -6.00 2.62 15.24
C THR A 216 -4.68 2.47 16.00
N MET A 217 -3.72 3.36 15.73
CA MET A 217 -2.43 3.32 16.40
C MET A 217 -2.59 3.65 17.88
#